data_6I47
#
_entry.id   6I47
#
_cell.length_a   36.279
_cell.length_b   66.503
_cell.length_c   63.452
_cell.angle_alpha   90.000
_cell.angle_beta   90.760
_cell.angle_gamma   90.000
#
_symmetry.space_group_name_H-M   'P 1 21 1'
#
loop_
_entity.id
_entity.type
_entity.pdbx_description
1 polymer 'UDP-3-O-acyl-N-acetylglucosamine deacetylase'
2 non-polymer 'ZINC ION'
3 non-polymer (2~{R})-4-[6-(2-fluoranyl-4-methoxy-phenyl)-3-oxidanylidene-1~{H}-isoindol-2-yl]-2-methyl-2-methylsulfonyl-~{N}-oxidanyl-butanamide
4 non-polymer (2~{S})-4-[6-(2-fluoranyl-4-methoxy-phenyl)-3-oxidanylidene-1~{H}-isoindol-2-yl]-2-methyl-2-methylsulfonyl-~{N}-oxidanyl-butanamide
5 water water
#
_entity_poly.entity_id   1
_entity_poly.type   'polypeptide(L)'
_entity_poly.pdbx_seq_one_letter_code
;MIKQRTLKNIIRATGVGLHSGEKVYLTLKPAPVDTGIVFSRTDLDPVVEIPARAENVGETTMSTTLVKGDVKVDTVEHLL
SAMAGLGIDNAYVELSASEVPIMDGSAGPFVFLIQSAGLQEQEAAKKFIRIKREVSVEEGDKRAVFVPFDGFKVSFEIDF
DHPVFRGRTQQASVDFSSTSFVKEVSRARTFGFMRDIEYLRSQNLALGGSVENAIVVDENRVLNEDGLRYEDEFVKHKIL
DAIGDLYLLGNSLIGEFRGFKSGHALNNQLLRTLIADKDAWEVVTFEDARTAPISYMRP
;
_entity_poly.pdbx_strand_id   AAA
#
# COMPACT_ATOMS: atom_id res chain seq x y z
N MET A 1 10.78 -16.86 18.21
CA MET A 1 9.66 -16.76 17.25
C MET A 1 9.83 -15.48 16.46
N ILE A 2 9.20 -15.38 15.28
CA ILE A 2 9.01 -14.07 14.63
C ILE A 2 7.91 -13.36 15.41
N LYS A 3 8.23 -12.19 15.97
CA LYS A 3 7.35 -11.48 16.92
C LYS A 3 6.54 -10.38 16.20
N GLN A 4 5.36 -10.07 16.73
CA GLN A 4 4.58 -8.88 16.29
C GLN A 4 5.40 -7.60 16.54
N ARG A 5 5.17 -6.56 15.73
CA ARG A 5 5.91 -5.28 15.83
C ARG A 5 4.93 -4.12 15.94
N THR A 6 5.31 -3.13 16.74
CA THR A 6 4.57 -1.84 16.78
C THR A 6 5.62 -0.73 16.67
N LEU A 7 5.16 0.50 16.69
CA LEU A 7 6.04 1.68 16.81
C LEU A 7 6.71 1.74 18.20
N LYS A 8 7.97 2.17 18.24
CA LYS A 8 8.67 2.49 19.50
C LYS A 8 8.21 3.84 20.06
N ASN A 9 7.77 4.76 19.21
CA ASN A 9 7.49 6.16 19.62
C ASN A 9 6.37 6.67 18.73
N ILE A 10 5.65 7.70 19.18
CA ILE A 10 4.58 8.35 18.37
C ILE A 10 5.26 9.16 17.27
N ILE A 11 4.69 9.15 16.06
CA ILE A 11 5.19 9.91 14.88
C ILE A 11 4.11 10.93 14.54
N ARG A 12 4.50 12.16 14.25
CA ARG A 12 3.57 13.23 13.79
C ARG A 12 4.05 13.72 12.44
N ALA A 13 3.17 13.82 11.46
CA ALA A 13 3.44 14.40 10.13
C ALA A 13 2.28 15.31 9.72
N THR A 14 2.59 16.42 9.05
CA THR A 14 1.59 17.28 8.37
C THR A 14 1.76 17.13 6.86
N GLY A 15 0.67 17.19 6.11
CA GLY A 15 0.75 17.10 4.64
C GLY A 15 -0.56 17.51 4.01
N VAL A 16 -0.80 17.05 2.79
CA VAL A 16 -2.00 17.42 1.99
C VAL A 16 -2.52 16.14 1.37
N GLY A 17 -3.84 15.97 1.36
CA GLY A 17 -4.49 14.91 0.56
C GLY A 17 -4.20 15.13 -0.93
N LEU A 18 -3.83 14.05 -1.64
CA LEU A 18 -3.62 14.08 -3.11
C LEU A 18 -4.91 14.50 -3.81
N HIS A 19 -6.00 13.82 -3.49
CA HIS A 19 -7.30 13.99 -4.16
C HIS A 19 -8.06 15.18 -3.59
N SER A 20 -7.99 15.43 -2.28
CA SER A 20 -8.85 16.42 -1.59
C SER A 20 -8.18 17.78 -1.57
N GLY A 21 -6.86 17.82 -1.57
CA GLY A 21 -6.07 19.05 -1.37
C GLY A 21 -6.16 19.53 0.06
N GLU A 22 -6.85 18.80 0.93
CA GLU A 22 -7.07 19.25 2.34
C GLU A 22 -5.77 19.07 3.14
N LYS A 23 -5.46 20.03 3.99
CA LYS A 23 -4.34 19.98 4.95
C LYS A 23 -4.70 18.97 6.04
N VAL A 24 -3.82 18.03 6.31
CA VAL A 24 -4.12 16.90 7.24
C VAL A 24 -2.94 16.72 8.18
N TYR A 25 -3.21 16.52 9.47
CA TYR A 25 -2.25 16.11 10.51
C TYR A 25 -2.41 14.61 10.75
N LEU A 26 -1.29 13.91 10.66
CA LEU A 26 -1.17 12.45 10.83
C LEU A 26 -0.41 12.22 12.14
N THR A 27 -0.94 11.34 12.98
CA THR A 27 -0.26 10.80 14.19
C THR A 27 -0.35 9.28 14.16
N LEU A 28 0.80 8.60 14.09
CA LEU A 28 0.93 7.12 14.19
C LEU A 28 1.26 6.76 15.64
N LYS A 29 0.50 5.88 16.27
CA LYS A 29 0.76 5.51 17.69
C LYS A 29 1.04 4.02 17.81
N PRO A 30 1.83 3.62 18.83
CA PRO A 30 1.93 2.22 19.22
C PRO A 30 0.52 1.69 19.50
N ALA A 31 0.35 0.38 19.31
CA ALA A 31 -0.90 -0.31 19.58
C ALA A 31 -0.59 -1.69 20.14
N PRO A 32 -1.50 -2.23 20.98
CA PRO A 32 -1.32 -3.56 21.55
C PRO A 32 -1.23 -4.68 20.50
N VAL A 33 -0.81 -5.85 20.97
CA VAL A 33 -0.75 -7.11 20.18
C VAL A 33 -2.12 -7.35 19.55
N ASP A 34 -2.15 -7.77 18.28
CA ASP A 34 -3.36 -8.15 17.50
C ASP A 34 -4.33 -6.98 17.29
N THR A 35 -3.90 -5.73 17.44
CA THR A 35 -4.75 -4.57 17.08
C THR A 35 -4.87 -4.46 15.55
N GLY A 36 -3.81 -4.82 14.83
CA GLY A 36 -3.63 -4.47 13.42
C GLY A 36 -3.49 -2.96 13.22
N ILE A 37 -3.65 -2.51 11.98
CA ILE A 37 -3.59 -1.06 11.64
C ILE A 37 -5.01 -0.54 11.74
N VAL A 38 -5.23 0.50 12.55
CA VAL A 38 -6.58 1.09 12.73
C VAL A 38 -6.46 2.58 12.47
N PHE A 39 -7.21 3.06 11.49
CA PHE A 39 -7.28 4.49 11.14
C PHE A 39 -8.32 5.13 12.05
N SER A 40 -8.10 6.38 12.39
CA SER A 40 -8.97 7.14 13.31
C SER A 40 -9.10 8.59 12.84
N ARG A 41 -10.32 8.99 12.47
CA ARG A 41 -10.70 10.39 12.18
C ARG A 41 -10.83 11.11 13.52
N THR A 42 -9.78 11.82 13.97
CA THR A 42 -9.76 12.55 15.27
C THR A 42 -10.38 13.96 15.11
N ASP A 43 -10.75 14.37 13.90
CA ASP A 43 -11.42 15.69 13.68
C ASP A 43 -12.89 15.61 14.08
N LEU A 44 -13.44 14.39 14.13
CA LEU A 44 -14.88 14.14 14.38
C LEU A 44 -15.05 13.90 15.88
N ASP A 45 -16.22 14.27 16.40
CA ASP A 45 -16.60 14.04 17.82
C ASP A 45 -17.95 13.32 17.82
N PRO A 46 -18.02 12.03 18.21
CA PRO A 46 -16.87 11.28 18.70
C PRO A 46 -15.93 10.86 17.56
N VAL A 47 -14.73 10.41 17.93
CA VAL A 47 -13.70 9.92 16.99
C VAL A 47 -14.23 8.64 16.34
N VAL A 48 -14.03 8.48 15.02
CA VAL A 48 -14.48 7.30 14.24
C VAL A 48 -13.25 6.48 13.87
N GLU A 49 -13.21 5.23 14.33
CA GLU A 49 -12.10 4.28 14.07
C GLU A 49 -12.49 3.27 12.99
N ILE A 50 -11.57 2.97 12.09
CA ILE A 50 -11.81 2.04 10.95
C ILE A 50 -10.58 1.16 10.77
N PRO A 51 -10.64 -0.14 11.15
CA PRO A 51 -9.56 -1.08 10.91
C PRO A 51 -9.24 -1.11 9.41
N ALA A 52 -7.95 -1.20 9.09
CA ALA A 52 -7.47 -1.39 7.72
C ALA A 52 -7.64 -2.86 7.36
N ARG A 53 -8.88 -3.22 7.01
CA ARG A 53 -9.30 -4.60 6.65
C ARG A 53 -10.14 -4.55 5.37
N ALA A 54 -10.06 -5.60 4.57
CA ALA A 54 -10.64 -5.66 3.20
C ALA A 54 -12.12 -5.30 3.28
N GLU A 55 -12.79 -5.81 4.32
CA GLU A 55 -14.25 -5.65 4.56
C GLU A 55 -14.63 -4.17 4.73
N ASN A 56 -13.69 -3.26 4.97
CA ASN A 56 -13.99 -1.83 5.26
C ASN A 56 -13.65 -1.00 4.05
N VAL A 57 -13.17 -1.61 2.97
CA VAL A 57 -12.93 -0.87 1.70
C VAL A 57 -14.29 -0.44 1.16
N GLY A 58 -14.39 0.83 0.77
CA GLY A 58 -15.53 1.37 0.02
C GLY A 58 -15.13 1.58 -1.42
N GLU A 59 -15.05 2.83 -1.86
CA GLU A 59 -14.56 3.24 -3.20
C GLU A 59 -13.12 2.72 -3.40
N THR A 60 -12.86 2.22 -4.61
CA THR A 60 -11.52 1.74 -5.05
C THR A 60 -11.29 2.35 -6.42
N THR A 61 -11.59 3.65 -6.52
CA THR A 61 -11.75 4.40 -7.79
C THR A 61 -10.37 4.89 -8.23
N MET A 62 -9.86 5.94 -7.61
CA MET A 62 -8.53 6.55 -7.89
CA MET A 62 -8.49 6.42 -7.94
C MET A 62 -7.60 6.37 -6.69
N SER A 63 -8.04 5.61 -5.70
CA SER A 63 -7.31 5.32 -4.44
C SER A 63 -8.01 4.16 -3.77
N THR A 64 -7.43 3.64 -2.68
CA THR A 64 -8.14 2.70 -1.78
C THR A 64 -8.74 3.55 -0.67
N THR A 65 -10.04 3.43 -0.46
CA THR A 65 -10.79 4.23 0.53
C THR A 65 -11.43 3.30 1.55
N LEU A 66 -11.29 3.60 2.83
CA LEU A 66 -11.96 2.87 3.92
C LEU A 66 -13.24 3.64 4.28
N VAL A 67 -14.30 2.91 4.60
CA VAL A 67 -15.62 3.53 4.92
C VAL A 67 -16.15 2.92 6.19
N LYS A 68 -16.81 3.77 6.97
CA LYS A 68 -17.75 3.41 8.06
C LYS A 68 -18.87 4.44 8.04
N GLY A 69 -20.03 4.07 7.48
CA GLY A 69 -21.19 4.98 7.30
C GLY A 69 -20.87 6.08 6.30
N ASP A 70 -21.08 7.33 6.68
CA ASP A 70 -20.72 8.52 5.86
C ASP A 70 -19.18 8.73 5.89
N VAL A 71 -18.51 8.21 6.92
CA VAL A 71 -17.09 8.59 7.25
C VAL A 71 -16.12 7.78 6.39
N LYS A 72 -15.20 8.48 5.74
CA LYS A 72 -14.19 7.89 4.84
C LYS A 72 -12.78 8.18 5.35
N VAL A 73 -11.87 7.25 5.12
CA VAL A 73 -10.40 7.48 5.14
C VAL A 73 -9.89 7.13 3.75
N ASP A 74 -9.38 8.14 3.04
N ASP A 74 -9.45 8.13 2.99
CA ASP A 74 -9.04 8.09 1.59
CA ASP A 74 -9.08 7.94 1.56
C ASP A 74 -7.54 7.87 1.43
C ASP A 74 -7.56 7.83 1.44
N THR A 75 -7.13 7.10 0.41
CA THR A 75 -5.71 6.98 -0.03
C THR A 75 -4.86 6.42 1.11
N VAL A 76 -5.18 5.22 1.52
CA VAL A 76 -4.47 4.48 2.59
C VAL A 76 -3.31 3.65 2.02
N GLU A 77 -3.19 3.52 0.69
CA GLU A 77 -2.39 2.42 0.08
C GLU A 77 -0.89 2.67 0.32
N HIS A 78 -0.40 3.92 0.27
CA HIS A 78 1.05 4.18 0.39
C HIS A 78 1.48 4.03 1.85
N LEU A 79 0.63 4.44 2.80
CA LEU A 79 0.98 4.31 4.23
C LEU A 79 0.97 2.83 4.59
N LEU A 80 -0.05 2.09 4.15
CA LEU A 80 -0.17 0.65 4.45
C LEU A 80 0.98 -0.11 3.83
N SER A 81 1.45 0.29 2.64
N SER A 81 1.41 0.29 2.63
CA SER A 81 2.63 -0.31 1.97
CA SER A 81 2.62 -0.28 1.96
C SER A 81 3.84 -0.16 2.90
C SER A 81 3.81 -0.16 2.91
N ALA A 82 4.03 1.03 3.48
CA ALA A 82 5.14 1.31 4.42
C ALA A 82 5.03 0.39 5.64
N MET A 83 3.83 0.29 6.21
N MET A 83 3.83 0.22 6.18
CA MET A 83 3.52 -0.58 7.37
CA MET A 83 3.62 -0.57 7.41
C MET A 83 3.87 -2.02 7.01
C MET A 83 3.75 -2.07 7.09
N ALA A 84 3.34 -2.51 5.90
CA ALA A 84 3.57 -3.88 5.40
C ALA A 84 5.07 -4.10 5.11
N GLY A 85 5.72 -3.15 4.44
CA GLY A 85 7.13 -3.25 4.03
C GLY A 85 8.05 -3.40 5.23
N LEU A 86 7.74 -2.75 6.35
CA LEU A 86 8.59 -2.70 7.58
C LEU A 86 8.13 -3.75 8.61
N GLY A 87 7.00 -4.41 8.35
CA GLY A 87 6.50 -5.52 9.18
C GLY A 87 5.84 -5.01 10.45
N ILE A 88 5.14 -3.88 10.35
CA ILE A 88 4.38 -3.29 11.48
C ILE A 88 2.96 -3.90 11.51
N ASP A 89 2.67 -4.66 12.56
CA ASP A 89 1.40 -5.38 12.79
C ASP A 89 0.39 -4.43 13.39
N ASN A 90 0.81 -3.60 14.36
CA ASN A 90 -0.10 -2.91 15.29
C ASN A 90 0.29 -1.42 15.33
N ALA A 91 -0.68 -0.56 15.01
CA ALA A 91 -0.54 0.90 15.08
C ALA A 91 -1.92 1.56 14.98
N TYR A 92 -2.08 2.65 15.70
CA TYR A 92 -3.20 3.60 15.46
C TYR A 92 -2.69 4.70 14.54
N VAL A 93 -3.42 4.96 13.47
CA VAL A 93 -3.16 6.06 12.51
C VAL A 93 -4.28 7.08 12.66
N GLU A 94 -3.97 8.23 13.25
CA GLU A 94 -4.94 9.31 13.46
C GLU A 94 -4.74 10.36 12.37
N LEU A 95 -5.87 10.84 11.85
CA LEU A 95 -5.96 11.85 10.77
C LEU A 95 -6.96 12.90 11.20
N SER A 96 -6.62 14.18 11.01
CA SER A 96 -7.51 15.34 11.27
C SER A 96 -8.43 15.63 10.08
N ALA A 97 -8.44 14.77 9.05
CA ALA A 97 -9.18 14.95 7.78
C ALA A 97 -9.29 13.60 7.06
N SER A 98 -10.10 13.57 5.98
CA SER A 98 -10.56 12.33 5.31
C SER A 98 -9.38 11.60 4.67
N GLU A 99 -8.34 12.31 4.23
CA GLU A 99 -7.31 11.68 3.35
C GLU A 99 -5.94 11.66 4.01
N VAL A 100 -5.24 10.54 3.88
CA VAL A 100 -3.84 10.38 4.33
C VAL A 100 -3.01 11.37 3.54
N PRO A 101 -2.03 12.09 4.15
CA PRO A 101 -1.20 13.01 3.39
C PRO A 101 -0.40 12.21 2.34
N ILE A 102 -0.25 12.80 1.16
CA ILE A 102 0.43 12.15 0.02
C ILE A 102 1.96 12.27 0.17
N MET A 103 2.48 13.28 0.90
CA MET A 103 3.94 13.42 1.13
C MET A 103 4.63 13.67 -0.23
N ASP A 104 5.67 12.92 -0.62
CA ASP A 104 6.34 13.07 -1.95
C ASP A 104 5.72 12.14 -2.98
N GLY A 105 4.60 11.50 -2.64
CA GLY A 105 3.85 10.52 -3.47
C GLY A 105 4.40 9.10 -3.39
N SER A 106 5.48 8.86 -2.62
CA SER A 106 6.07 7.53 -2.34
C SER A 106 5.73 7.11 -0.92
N ALA A 107 6.33 6.01 -0.45
CA ALA A 107 6.26 5.52 0.94
C ALA A 107 7.54 5.96 1.65
N GLY A 108 8.48 6.56 0.91
CA GLY A 108 9.81 6.98 1.40
C GLY A 108 9.74 7.78 2.69
N PRO A 109 9.05 8.94 2.67
CA PRO A 109 8.90 9.75 3.87
C PRO A 109 8.28 8.99 5.06
N PHE A 110 7.30 8.12 4.82
CA PHE A 110 6.74 7.25 5.91
C PHE A 110 7.83 6.31 6.42
N VAL A 111 8.57 5.61 5.57
CA VAL A 111 9.59 4.66 6.11
C VAL A 111 10.69 5.44 6.86
N PHE A 112 11.07 6.62 6.37
CA PHE A 112 12.05 7.48 7.07
C PHE A 112 11.53 7.82 8.48
N LEU A 113 10.31 8.33 8.59
CA LEU A 113 9.77 8.76 9.91
C LEU A 113 9.66 7.56 10.86
N ILE A 114 9.12 6.44 10.37
CA ILE A 114 8.92 5.22 11.17
C ILE A 114 10.29 4.74 11.64
N GLN A 115 11.25 4.65 10.74
CA GLN A 115 12.56 4.02 11.05
C GLN A 115 13.33 4.98 11.98
N SER A 116 13.07 6.28 11.88
CA SER A 116 13.63 7.29 12.81
C SER A 116 13.05 7.04 14.20
N ALA A 117 11.75 6.77 14.28
CA ALA A 117 11.04 6.53 15.57
C ALA A 117 11.47 5.16 16.09
N GLY A 118 11.68 4.20 15.19
CA GLY A 118 12.05 2.82 15.53
C GLY A 118 10.83 1.96 15.88
N LEU A 119 11.04 0.65 15.83
CA LEU A 119 10.02 -0.42 15.97
C LEU A 119 10.19 -1.13 17.31
N GLN A 120 9.09 -1.64 17.85
CA GLN A 120 9.08 -2.37 19.13
C GLN A 120 8.55 -3.78 18.86
N GLU A 121 9.39 -4.80 19.05
CA GLU A 121 8.92 -6.21 19.04
C GLU A 121 8.04 -6.41 20.27
N GLN A 122 6.97 -7.19 20.12
CA GLN A 122 5.94 -7.45 21.16
C GLN A 122 5.96 -8.94 21.48
N GLU A 123 5.55 -9.33 22.68
CA GLU A 123 5.62 -10.75 23.17
C GLU A 123 4.42 -11.52 22.62
N ALA A 124 4.40 -11.77 21.31
CA ALA A 124 3.29 -12.50 20.64
C ALA A 124 3.75 -12.87 19.23
N ALA A 125 3.35 -14.05 18.78
CA ALA A 125 3.75 -14.58 17.46
C ALA A 125 3.15 -13.68 16.38
N LYS A 126 3.97 -13.27 15.42
CA LYS A 126 3.50 -12.58 14.21
C LYS A 126 2.73 -13.61 13.38
N LYS A 127 1.55 -13.24 12.91
CA LYS A 127 0.67 -14.12 12.13
C LYS A 127 0.85 -13.77 10.66
N PHE A 128 0.96 -14.79 9.81
CA PHE A 128 1.03 -14.60 8.34
C PHE A 128 -0.18 -15.29 7.72
N ILE A 129 -0.69 -14.76 6.62
CA ILE A 129 -1.65 -15.43 5.72
C ILE A 129 -0.84 -16.18 4.67
N ARG A 130 -0.84 -17.52 4.70
CA ARG A 130 -0.16 -18.36 3.69
C ARG A 130 -1.16 -18.75 2.60
N ILE A 131 -0.79 -18.47 1.36
CA ILE A 131 -1.52 -18.88 0.13
C ILE A 131 -1.27 -20.39 -0.02
N LYS A 132 -2.34 -21.18 -0.09
CA LYS A 132 -2.33 -22.67 -0.19
C LYS A 132 -2.75 -23.12 -1.61
N ARG A 133 -3.62 -22.33 -2.25
CA ARG A 133 -4.13 -22.62 -3.61
C ARG A 133 -4.06 -21.33 -4.42
N GLU A 134 -3.86 -21.47 -5.73
CA GLU A 134 -3.98 -20.34 -6.66
C GLU A 134 -5.36 -19.72 -6.47
N VAL A 135 -5.45 -18.40 -6.45
CA VAL A 135 -6.72 -17.62 -6.43
C VAL A 135 -6.55 -16.48 -7.42
N SER A 136 -7.46 -16.31 -8.36
CA SER A 136 -7.32 -15.41 -9.53
C SER A 136 -8.62 -14.60 -9.70
N VAL A 137 -8.52 -13.31 -10.04
CA VAL A 137 -9.68 -12.48 -10.46
C VAL A 137 -9.29 -11.73 -11.73
N GLU A 138 -10.30 -11.46 -12.56
CA GLU A 138 -10.19 -10.86 -13.91
C GLU A 138 -11.40 -9.96 -14.15
N GLU A 139 -11.15 -8.68 -14.48
CA GLU A 139 -12.16 -7.74 -15.02
C GLU A 139 -11.76 -7.49 -16.47
N GLY A 140 -12.17 -8.41 -17.37
CA GLY A 140 -11.81 -8.41 -18.80
C GLY A 140 -10.30 -8.51 -19.02
N ASP A 141 -9.66 -7.35 -19.28
CA ASP A 141 -8.23 -7.16 -19.67
C ASP A 141 -7.29 -7.38 -18.46
N LYS A 142 -7.80 -7.13 -17.25
CA LYS A 142 -7.01 -6.96 -16.01
C LYS A 142 -6.98 -8.29 -15.25
N ARG A 143 -5.83 -8.64 -14.65
N ARG A 143 -5.85 -8.58 -14.58
CA ARG A 143 -5.69 -9.88 -13.84
CA ARG A 143 -5.56 -9.88 -13.91
C ARG A 143 -4.91 -9.58 -12.57
C ARG A 143 -4.86 -9.60 -12.57
N ALA A 144 -5.33 -10.25 -11.49
CA ALA A 144 -4.70 -10.21 -10.16
C ALA A 144 -4.77 -11.64 -9.62
N VAL A 145 -3.61 -12.20 -9.25
N VAL A 145 -3.63 -12.24 -9.26
CA VAL A 145 -3.45 -13.63 -8.88
CA VAL A 145 -3.64 -13.66 -8.82
C VAL A 145 -2.68 -13.73 -7.56
C VAL A 145 -2.68 -13.83 -7.64
N PHE A 146 -3.10 -14.63 -6.65
CA PHE A 146 -2.23 -15.15 -5.56
C PHE A 146 -1.80 -16.56 -5.96
N VAL A 147 -0.51 -16.88 -5.78
CA VAL A 147 0.08 -18.23 -6.03
C VAL A 147 0.83 -18.63 -4.76
N PRO A 148 0.74 -19.91 -4.31
CA PRO A 148 1.63 -20.41 -3.26
C PRO A 148 3.08 -20.03 -3.61
N PHE A 149 3.82 -19.58 -2.60
CA PHE A 149 5.28 -19.26 -2.70
C PHE A 149 5.82 -19.25 -1.28
N ASP A 150 6.93 -19.93 -1.07
CA ASP A 150 7.61 -20.08 0.24
C ASP A 150 8.42 -18.80 0.48
N GLY A 151 7.72 -17.71 0.79
CA GLY A 151 8.30 -16.36 0.96
C GLY A 151 7.27 -15.31 0.61
N PHE A 152 7.69 -14.11 0.26
CA PHE A 152 6.77 -13.03 -0.18
C PHE A 152 7.38 -12.38 -1.41
N LYS A 153 6.71 -12.51 -2.56
N LYS A 153 6.66 -12.47 -2.53
CA LYS A 153 7.18 -11.92 -3.84
CA LYS A 153 7.12 -12.01 -3.86
C LYS A 153 6.00 -11.35 -4.62
C LYS A 153 5.96 -11.28 -4.53
N VAL A 154 6.26 -10.27 -5.35
CA VAL A 154 5.23 -9.50 -6.10
C VAL A 154 5.77 -9.21 -7.50
N SER A 155 5.02 -9.64 -8.50
CA SER A 155 5.28 -9.37 -9.93
C SER A 155 4.16 -8.46 -10.41
N PHE A 156 4.49 -7.50 -11.27
CA PHE A 156 3.48 -6.61 -11.87
C PHE A 156 3.85 -6.36 -13.32
N GLU A 157 2.83 -6.21 -14.15
CA GLU A 157 3.04 -5.67 -15.53
C GLU A 157 1.96 -4.62 -15.81
N ILE A 158 2.40 -3.42 -16.20
CA ILE A 158 1.54 -2.38 -16.81
C ILE A 158 1.82 -2.37 -18.31
N ASP A 159 0.89 -1.82 -19.09
CA ASP A 159 1.03 -1.73 -20.56
C ASP A 159 0.13 -0.60 -21.08
N PHE A 160 0.58 0.65 -20.91
CA PHE A 160 -0.15 1.87 -21.36
C PHE A 160 0.43 2.27 -22.73
N ASP A 161 -0.41 2.45 -23.76
CA ASP A 161 0.00 3.08 -25.05
C ASP A 161 0.35 4.55 -24.76
N HIS A 162 1.59 4.80 -24.31
CA HIS A 162 2.11 6.16 -24.05
C HIS A 162 3.62 6.19 -24.20
N PRO A 163 4.15 7.17 -24.97
CA PRO A 163 5.57 7.20 -25.31
C PRO A 163 6.52 7.24 -24.11
N VAL A 164 6.06 7.69 -22.94
CA VAL A 164 6.92 7.83 -21.73
C VAL A 164 7.50 6.45 -21.38
N PHE A 165 6.74 5.38 -21.58
CA PHE A 165 7.06 3.99 -21.11
C PHE A 165 8.08 3.30 -22.03
N ARG A 166 9.19 3.98 -22.35
CA ARG A 166 10.43 3.39 -22.93
C ARG A 166 10.19 2.86 -24.35
N GLY A 167 8.95 2.71 -24.78
CA GLY A 167 8.58 1.80 -25.89
C GLY A 167 8.50 0.36 -25.42
N ARG A 168 9.38 -0.04 -24.49
CA ARG A 168 9.40 -1.36 -23.82
C ARG A 168 8.41 -1.35 -22.64
N THR A 169 7.39 -2.22 -22.70
CA THR A 169 6.37 -2.49 -21.63
C THR A 169 7.10 -2.80 -20.31
N GLN A 170 6.85 -2.01 -19.26
CA GLN A 170 7.60 -2.10 -17.98
C GLN A 170 6.93 -3.14 -17.08
N GLN A 171 7.73 -4.14 -16.74
CA GLN A 171 7.39 -5.34 -15.93
C GLN A 171 8.42 -5.36 -14.81
N ALA A 172 8.07 -5.88 -13.64
CA ALA A 172 9.01 -6.06 -12.52
C ALA A 172 8.52 -7.20 -11.63
N SER A 173 9.48 -7.90 -11.02
CA SER A 173 9.24 -8.96 -10.02
C SER A 173 10.21 -8.74 -8.86
N VAL A 174 9.74 -8.74 -7.63
CA VAL A 174 10.60 -8.45 -6.47
C VAL A 174 10.31 -9.49 -5.42
N ASP A 175 11.35 -10.14 -4.88
CA ASP A 175 11.24 -11.03 -3.71
C ASP A 175 11.47 -10.18 -2.46
N PHE A 176 10.50 -10.14 -1.55
CA PHE A 176 10.58 -9.34 -0.30
C PHE A 176 10.62 -10.29 0.90
N SER A 177 11.12 -11.52 0.71
CA SER A 177 11.22 -12.53 1.79
C SER A 177 12.31 -12.09 2.79
N SER A 178 13.35 -11.39 2.31
CA SER A 178 14.38 -10.69 3.13
C SER A 178 14.01 -9.20 3.15
N THR A 179 14.97 -8.29 3.03
CA THR A 179 14.76 -6.84 3.32
C THR A 179 14.92 -5.96 2.06
N SER A 180 14.26 -6.30 0.93
CA SER A 180 14.37 -5.53 -0.34
C SER A 180 13.41 -4.33 -0.40
N PHE A 181 12.40 -4.21 0.48
CA PHE A 181 11.28 -3.25 0.32
C PHE A 181 11.81 -1.80 0.28
N VAL A 182 12.57 -1.39 1.28
CA VAL A 182 13.03 0.02 1.40
C VAL A 182 13.82 0.38 0.14
N LYS A 183 14.82 -0.44 -0.22
CA LYS A 183 15.75 -0.20 -1.35
C LYS A 183 14.96 -0.13 -2.67
N GLU A 184 14.10 -1.13 -2.90
CA GLU A 184 13.61 -1.50 -4.24
C GLU A 184 12.36 -0.69 -4.60
N VAL A 185 11.38 -0.56 -3.68
CA VAL A 185 10.06 0.04 -4.05
C VAL A 185 9.70 1.25 -3.18
N SER A 186 10.25 1.42 -1.98
CA SER A 186 9.70 2.40 -1.00
C SER A 186 9.59 3.81 -1.64
N ARG A 187 10.53 4.17 -2.51
CA ARG A 187 10.71 5.57 -2.99
C ARG A 187 10.01 5.80 -4.33
N ALA A 188 9.29 4.83 -4.86
CA ALA A 188 8.62 4.91 -6.18
C ALA A 188 7.36 5.76 -6.02
N ARG A 189 7.30 6.88 -6.73
CA ARG A 189 6.20 7.88 -6.59
C ARG A 189 5.01 7.50 -7.46
N THR A 190 3.80 7.84 -6.98
CA THR A 190 2.54 7.80 -7.77
C THR A 190 2.75 8.67 -9.01
N PHE A 191 1.83 8.58 -9.97
CA PHE A 191 2.00 9.25 -11.29
C PHE A 191 0.62 9.50 -11.90
N GLY A 192 0.52 10.54 -12.72
CA GLY A 192 -0.70 10.83 -13.49
C GLY A 192 -0.40 11.73 -14.66
N PHE A 193 -1.42 11.99 -15.48
CA PHE A 193 -1.28 12.58 -16.83
C PHE A 193 -1.89 13.98 -16.88
N MET A 194 -1.12 14.94 -17.42
CA MET A 194 -1.58 16.28 -17.89
C MET A 194 -2.90 16.17 -18.66
N ARG A 195 -3.06 15.12 -19.48
CA ARG A 195 -4.28 14.89 -20.29
C ARG A 195 -5.53 14.86 -19.41
N ASP A 196 -5.46 14.19 -18.26
CA ASP A 196 -6.64 13.80 -17.45
C ASP A 196 -6.95 14.84 -16.37
N ILE A 197 -6.04 15.78 -16.11
CA ILE A 197 -5.96 16.55 -14.83
C ILE A 197 -7.12 17.54 -14.68
N GLU A 198 -7.52 18.25 -15.74
N GLU A 198 -7.49 18.23 -15.77
CA GLU A 198 -8.64 19.24 -15.64
CA GLU A 198 -8.62 19.20 -15.81
C GLU A 198 -9.94 18.48 -15.36
C GLU A 198 -9.91 18.49 -15.41
N TYR A 199 -10.18 17.34 -16.03
CA TYR A 199 -11.42 16.56 -15.83
C TYR A 199 -11.47 15.99 -14.41
N LEU A 200 -10.34 15.45 -13.91
CA LEU A 200 -10.28 14.84 -12.55
C LEU A 200 -10.54 15.92 -11.49
N ARG A 201 -9.95 17.12 -11.67
CA ARG A 201 -10.13 18.30 -10.77
C ARG A 201 -11.59 18.74 -10.81
N SER A 202 -12.30 18.50 -11.92
CA SER A 202 -13.77 18.69 -12.07
C SER A 202 -14.49 17.78 -11.08
N GLN A 203 -14.04 16.52 -10.96
CA GLN A 203 -14.63 15.47 -10.07
C GLN A 203 -14.08 15.58 -8.64
N ASN A 204 -13.48 16.72 -8.30
CA ASN A 204 -12.73 16.92 -7.03
C ASN A 204 -11.84 15.68 -6.79
N LEU A 205 -11.02 15.36 -7.77
CA LEU A 205 -9.95 14.33 -7.66
C LEU A 205 -8.63 14.98 -8.08
N ALA A 206 -7.53 14.51 -7.48
CA ALA A 206 -6.14 14.97 -7.67
C ALA A 206 -5.98 16.47 -7.37
N LEU A 207 -6.80 17.05 -6.48
CA LEU A 207 -6.79 18.52 -6.20
C LEU A 207 -5.47 18.93 -5.52
N GLY A 208 -4.89 18.04 -4.70
CA GLY A 208 -3.62 18.33 -4.01
C GLY A 208 -2.41 18.02 -4.85
N GLY A 209 -2.61 17.43 -6.04
CA GLY A 209 -1.54 16.82 -6.86
C GLY A 209 -0.64 17.87 -7.50
N SER A 210 0.68 17.68 -7.42
CA SER A 210 1.69 18.54 -8.06
C SER A 210 2.96 17.73 -8.39
N VAL A 211 3.88 18.33 -9.14
CA VAL A 211 5.24 17.74 -9.38
C VAL A 211 5.92 17.46 -8.03
N GLU A 212 5.47 18.10 -6.94
CA GLU A 212 6.08 17.97 -5.58
C GLU A 212 5.73 16.60 -4.99
N ASN A 213 4.64 15.98 -5.44
CA ASN A 213 4.14 14.71 -4.86
C ASN A 213 3.70 13.73 -5.94
N ALA A 214 4.02 13.94 -7.21
CA ALA A 214 3.71 12.96 -8.27
C ALA A 214 4.66 13.13 -9.46
N ILE A 215 4.89 12.01 -10.15
CA ILE A 215 5.41 12.00 -11.55
C ILE A 215 4.27 12.51 -12.46
N VAL A 216 4.48 13.68 -13.07
CA VAL A 216 3.50 14.34 -13.98
C VAL A 216 3.95 14.10 -15.43
N VAL A 217 3.09 13.41 -16.20
CA VAL A 217 3.38 12.88 -17.56
C VAL A 217 2.62 13.73 -18.60
N ASP A 218 3.38 14.56 -19.34
CA ASP A 218 2.93 15.25 -20.58
C ASP A 218 2.68 14.22 -21.69
N GLU A 219 2.34 14.72 -22.87
CA GLU A 219 2.07 13.94 -24.09
C GLU A 219 3.22 12.94 -24.34
N ASN A 220 4.47 13.43 -24.24
CA ASN A 220 5.69 12.68 -24.62
C ASN A 220 6.70 12.55 -23.47
N ARG A 221 6.63 13.38 -22.43
CA ARG A 221 7.69 13.48 -21.38
C ARG A 221 7.13 13.42 -19.95
N VAL A 222 7.97 12.99 -19.01
CA VAL A 222 7.87 13.36 -17.57
C VAL A 222 8.19 14.85 -17.49
N LEU A 223 7.37 15.65 -16.81
CA LEU A 223 7.58 17.12 -16.69
C LEU A 223 8.52 17.46 -15.51
N ASN A 224 8.56 16.64 -14.46
CA ASN A 224 9.39 16.88 -13.24
C ASN A 224 10.83 17.27 -13.63
N GLU A 225 11.33 18.41 -13.13
CA GLU A 225 12.70 18.93 -13.39
C GLU A 225 13.74 17.80 -13.22
N ASP A 226 13.56 16.93 -12.23
CA ASP A 226 14.60 15.96 -11.78
C ASP A 226 14.28 14.55 -12.28
N GLY A 227 13.18 14.40 -13.02
CA GLY A 227 12.86 13.14 -13.72
C GLY A 227 12.63 11.99 -12.76
N LEU A 228 13.20 10.82 -13.05
CA LEU A 228 12.80 9.54 -12.41
C LEU A 228 13.84 9.10 -11.37
N ARG A 229 13.34 8.54 -10.28
CA ARG A 229 14.15 7.95 -9.20
C ARG A 229 14.72 6.61 -9.65
N TYR A 230 13.98 5.92 -10.55
CA TYR A 230 14.29 4.59 -11.13
C TYR A 230 13.80 4.58 -12.58
N GLU A 231 14.39 3.76 -13.49
CA GLU A 231 13.94 3.57 -14.90
C GLU A 231 12.54 2.97 -14.89
N ASP A 232 12.26 2.09 -13.95
CA ASP A 232 10.96 1.39 -13.85
C ASP A 232 10.18 1.93 -12.64
N GLU A 233 10.29 3.21 -12.35
CA GLU A 233 9.60 3.82 -11.19
C GLU A 233 8.09 3.56 -11.31
N PHE A 234 7.50 3.63 -12.52
CA PHE A 234 6.03 3.49 -12.71
C PHE A 234 5.62 2.10 -12.19
N VAL A 235 6.21 1.03 -12.71
CA VAL A 235 5.79 -0.35 -12.33
C VAL A 235 6.18 -0.61 -10.86
N LYS A 236 7.32 -0.09 -10.40
CA LYS A 236 7.67 -0.20 -8.95
C LYS A 236 6.55 0.44 -8.11
N HIS A 237 5.99 1.58 -8.53
CA HIS A 237 4.92 2.23 -7.73
C HIS A 237 3.68 1.32 -7.71
N LYS A 238 3.39 0.66 -8.81
CA LYS A 238 2.25 -0.30 -8.87
C LYS A 238 2.49 -1.44 -7.88
N ILE A 239 3.76 -1.82 -7.67
CA ILE A 239 4.13 -2.89 -6.69
C ILE A 239 3.88 -2.35 -5.26
N LEU A 240 4.31 -1.10 -5.00
CA LEU A 240 4.12 -0.40 -3.70
C LEU A 240 2.62 -0.39 -3.37
N ASP A 241 1.81 0.06 -4.33
CA ASP A 241 0.32 0.05 -4.26
C ASP A 241 -0.19 -1.35 -3.88
N ALA A 242 0.23 -2.39 -4.61
CA ALA A 242 -0.26 -3.78 -4.38
C ALA A 242 0.08 -4.23 -2.96
N ILE A 243 1.29 -3.90 -2.47
CA ILE A 243 1.70 -4.34 -1.11
C ILE A 243 0.78 -3.70 -0.06
N GLY A 244 0.49 -2.40 -0.17
CA GLY A 244 -0.47 -1.70 0.72
C GLY A 244 -1.89 -2.25 0.62
N ASP A 245 -2.43 -2.44 -0.59
CA ASP A 245 -3.80 -3.00 -0.76
C ASP A 245 -3.84 -4.43 -0.18
N LEU A 246 -2.74 -5.18 -0.33
CA LEU A 246 -2.69 -6.59 0.14
C LEU A 246 -2.66 -6.61 1.67
N TYR A 247 -2.15 -5.55 2.31
CA TYR A 247 -2.03 -5.54 3.78
C TYR A 247 -3.43 -5.42 4.40
N LEU A 248 -4.43 -5.11 3.58
CA LEU A 248 -5.83 -5.03 4.07
C LEU A 248 -6.30 -6.42 4.46
N LEU A 249 -5.56 -7.47 4.09
CA LEU A 249 -5.75 -8.83 4.67
C LEU A 249 -5.60 -8.79 6.20
N GLY A 250 -4.80 -7.86 6.74
CA GLY A 250 -4.63 -7.65 8.20
C GLY A 250 -3.38 -8.31 8.75
N ASN A 251 -2.68 -9.07 7.91
CA ASN A 251 -1.46 -9.84 8.24
C ASN A 251 -0.55 -9.85 7.02
N SER A 252 0.75 -10.08 7.23
CA SER A 252 1.74 -10.19 6.12
C SER A 252 1.45 -11.48 5.35
N LEU A 253 1.87 -11.52 4.10
CA LEU A 253 1.55 -12.62 3.19
C LEU A 253 2.75 -13.56 3.05
N ILE A 254 2.44 -14.84 3.00
CA ILE A 254 3.38 -15.88 2.51
C ILE A 254 2.81 -16.43 1.21
N GLY A 255 3.35 -15.94 0.10
CA GLY A 255 2.76 -16.21 -1.22
C GLY A 255 3.32 -15.26 -2.24
N GLU A 256 2.85 -15.42 -3.47
CA GLU A 256 3.24 -14.59 -4.63
C GLU A 256 2.00 -13.86 -5.12
N PHE A 257 2.12 -12.56 -5.37
CA PHE A 257 1.07 -11.78 -6.05
C PHE A 257 1.56 -11.46 -7.45
N ARG A 258 0.70 -11.63 -8.45
CA ARG A 258 1.02 -11.30 -9.86
C ARG A 258 -0.08 -10.35 -10.33
N GLY A 259 0.25 -9.13 -10.69
CA GLY A 259 -0.73 -8.15 -11.21
C GLY A 259 -0.49 -7.85 -12.67
N PHE A 260 -1.57 -7.78 -13.45
N PHE A 260 -1.55 -7.89 -13.50
CA PHE A 260 -1.52 -7.51 -14.90
CA PHE A 260 -1.47 -7.46 -14.92
C PHE A 260 -2.51 -6.37 -15.20
C PHE A 260 -2.50 -6.37 -15.14
N LYS A 261 -2.02 -5.13 -15.27
CA LYS A 261 -2.85 -3.91 -15.43
C LYS A 261 -3.85 -3.86 -14.29
N SER A 262 -3.42 -4.35 -13.12
CA SER A 262 -4.24 -4.42 -11.89
C SER A 262 -4.25 -3.03 -11.24
N GLY A 263 -5.31 -2.71 -10.50
CA GLY A 263 -5.42 -1.49 -9.68
C GLY A 263 -6.16 -1.80 -8.40
N HIS A 264 -6.60 -0.76 -7.69
CA HIS A 264 -7.17 -0.85 -6.32
C HIS A 264 -8.42 -1.73 -6.32
N ALA A 265 -9.27 -1.53 -7.33
CA ALA A 265 -10.55 -2.24 -7.51
C ALA A 265 -10.32 -3.75 -7.55
N LEU A 266 -9.45 -4.21 -8.46
CA LEU A 266 -9.19 -5.66 -8.64
C LEU A 266 -8.43 -6.24 -7.43
N ASN A 267 -7.50 -5.48 -6.86
CA ASN A 267 -6.75 -5.91 -5.64
C ASN A 267 -7.79 -6.26 -4.58
N ASN A 268 -8.71 -5.35 -4.36
CA ASN A 268 -9.77 -5.54 -3.34
C ASN A 268 -10.65 -6.74 -3.72
N GLN A 269 -11.02 -6.93 -4.98
CA GLN A 269 -11.85 -8.12 -5.36
C GLN A 269 -11.04 -9.38 -5.07
N LEU A 270 -9.72 -9.36 -5.26
CA LEU A 270 -8.87 -10.55 -5.02
C LEU A 270 -8.86 -10.88 -3.52
N LEU A 271 -8.77 -9.90 -2.62
CA LEU A 271 -8.76 -10.20 -1.16
C LEU A 271 -10.10 -10.84 -0.77
N ARG A 272 -11.20 -10.27 -1.26
CA ARG A 272 -12.57 -10.74 -0.90
C ARG A 272 -12.74 -12.18 -1.38
N THR A 273 -12.32 -12.43 -2.61
CA THR A 273 -12.28 -13.77 -3.27
C THR A 273 -11.41 -14.72 -2.45
N LEU A 274 -10.22 -14.27 -2.03
CA LEU A 274 -9.33 -15.10 -1.17
C LEU A 274 -10.06 -15.39 0.14
N ILE A 275 -10.60 -14.35 0.79
CA ILE A 275 -11.11 -14.48 2.19
C ILE A 275 -12.28 -15.47 2.17
N ALA A 276 -13.10 -15.43 1.12
CA ALA A 276 -14.26 -16.33 0.91
C ALA A 276 -13.80 -17.81 0.81
N ASP A 277 -12.67 -18.05 0.15
CA ASP A 277 -12.19 -19.41 -0.23
C ASP A 277 -11.23 -19.93 0.84
N LYS A 278 -11.75 -20.49 1.94
CA LYS A 278 -10.98 -20.79 3.17
C LYS A 278 -10.02 -21.96 2.92
N ASP A 279 -10.21 -22.76 1.87
CA ASP A 279 -9.22 -23.84 1.58
C ASP A 279 -7.99 -23.26 0.86
N ALA A 280 -8.07 -22.02 0.36
CA ALA A 280 -6.96 -21.38 -0.41
C ALA A 280 -5.91 -20.71 0.49
N TRP A 281 -6.12 -20.64 1.82
CA TRP A 281 -5.20 -19.95 2.75
C TRP A 281 -5.38 -20.46 4.17
N GLU A 282 -4.37 -20.26 5.00
CA GLU A 282 -4.42 -20.49 6.46
C GLU A 282 -3.57 -19.42 7.14
N VAL A 283 -3.75 -19.25 8.45
CA VAL A 283 -2.89 -18.36 9.28
C VAL A 283 -1.78 -19.21 9.88
N VAL A 284 -0.53 -18.77 9.75
CA VAL A 284 0.64 -19.49 10.32
C VAL A 284 1.43 -18.52 11.20
N THR A 285 2.06 -19.05 12.25
CA THR A 285 3.12 -18.37 13.03
C THR A 285 4.41 -19.19 12.95
N PHE A 286 5.52 -18.58 13.39
CA PHE A 286 6.88 -19.18 13.33
C PHE A 286 7.51 -19.08 14.71
N GLU A 287 7.67 -20.22 15.36
CA GLU A 287 8.30 -20.34 16.71
C GLU A 287 9.82 -20.23 16.58
N ASP A 288 10.38 -20.35 15.37
CA ASP A 288 11.84 -20.24 15.14
C ASP A 288 12.06 -19.42 13.88
N ALA A 289 12.51 -18.17 14.03
CA ALA A 289 12.78 -17.26 12.90
C ALA A 289 13.75 -17.93 11.92
N ARG A 290 14.63 -18.82 12.37
CA ARG A 290 15.67 -19.46 11.51
C ARG A 290 15.07 -20.38 10.45
N THR A 291 13.86 -20.92 10.63
CA THR A 291 13.26 -21.86 9.64
C THR A 291 12.12 -21.17 8.87
N ALA A 292 11.85 -19.89 9.18
CA ALA A 292 10.78 -19.11 8.53
C ALA A 292 11.24 -18.72 7.15
N PRO A 293 10.30 -18.60 6.17
CA PRO A 293 10.64 -18.17 4.81
C PRO A 293 10.79 -16.65 4.67
N ILE A 294 10.31 -15.86 5.64
CA ILE A 294 10.45 -14.37 5.71
C ILE A 294 11.47 -14.02 6.80
N SER A 295 12.34 -13.03 6.56
CA SER A 295 13.15 -12.38 7.62
C SER A 295 12.91 -10.86 7.58
N TYR A 296 13.13 -10.22 8.71
CA TYR A 296 12.87 -8.77 8.90
C TYR A 296 14.15 -8.07 9.36
N MET A 297 14.29 -6.83 8.88
CA MET A 297 15.28 -5.83 9.38
C MET A 297 15.44 -5.96 10.90
N ARG A 298 16.64 -5.72 11.41
CA ARG A 298 16.82 -5.45 12.86
C ARG A 298 15.76 -4.43 13.24
N PRO A 299 15.16 -4.56 14.45
CA PRO A 299 14.16 -3.60 14.91
C PRO A 299 14.76 -2.27 15.39
#